data_3HJH
#
_entry.id   3HJH
#
_cell.length_a   84.062
_cell.length_b   157.650
_cell.length_c   35.964
_cell.angle_alpha   90.00
_cell.angle_beta   90.00
_cell.angle_gamma   90.00
#
_symmetry.space_group_name_H-M   'P 21 21 2'
#
loop_
_entity.id
_entity.type
_entity.pdbx_description
1 polymer 'Transcription-repair-coupling factor'
2 non-polymer 'COBALT (II) ION'
3 water water
#
_entity_poly.entity_id   1
_entity_poly.type   'polypeptide(L)'
_entity_poly.pdbx_seq_one_letter_code
;MPEQYRYTLPVKAGEQRLLGELTGAACATLVAEIAERHAGPVVLIAPDMQNALRLHDEISQFTDQMVMNLADWETLPYDS
FSPHQDIISSRLSTLYQLPTMQRGVLIVPVNTLMQRVCPHSFLHGHALVMKKGQRLSRDALRTQLDSAGYRHVDQVMEHG
EYATRGALLDLFPMGSELPYRLDFFDDEIDSLRVFDVDSQRTLEEVEAINLLPAHEFPTDKAAIELFRSQWRDTFEVKRD
PEHIYQQVSKGTLPAGIEYWQPLFFSEPLPPLFSYFPANTLLVNTGDLETSAERFQADTLARFENRGVDPMRPLLPPQSL
WLRVDELFSELKNWPRVQLKTEHLPTKAANANLGFQKLPDLAVQAQQKAPLDALRKFLETFDGPVVFSVESEGRREALGE
LLARIKIAPQRIMRLDEASDRGRYLMIGAAEHGFVDTVRNLALICESDLLGERVARRRQDSRRTINPDTLKLAAALEHHH
HHH
;
_entity_poly.pdbx_strand_id   A
#
# COMPACT_ATOMS: atom_id res chain seq x y z
N TYR A 5 -16.04 -21.62 -12.47
CA TYR A 5 -15.83 -21.17 -11.05
C TYR A 5 -17.07 -21.47 -10.20
N ARG A 6 -16.86 -21.69 -8.91
CA ARG A 6 -17.94 -22.03 -7.98
C ARG A 6 -18.70 -20.82 -7.41
N TYR A 7 -18.33 -19.63 -7.86
CA TYR A 7 -18.98 -18.39 -7.43
C TYR A 7 -18.93 -17.33 -8.54
N THR A 8 -19.93 -16.46 -8.59
CA THR A 8 -19.90 -15.28 -9.45
C THR A 8 -19.38 -14.11 -8.64
N LEU A 9 -18.88 -13.09 -9.33
CA LEU A 9 -18.43 -11.87 -8.67
C LEU A 9 -19.60 -10.90 -8.53
N PRO A 10 -19.72 -10.24 -7.37
CA PRO A 10 -20.79 -9.26 -7.18
C PRO A 10 -20.51 -8.02 -8.02
N VAL A 11 -21.56 -7.32 -8.43
CA VAL A 11 -21.42 -6.16 -9.33
C VAL A 11 -22.18 -4.91 -8.85
N LYS A 12 -23.36 -5.10 -8.29
CA LYS A 12 -24.19 -3.99 -7.81
C LYS A 12 -23.62 -3.34 -6.55
N ALA A 13 -23.90 -2.04 -6.41
CA ALA A 13 -23.58 -1.29 -5.20
C ALA A 13 -24.13 -2.02 -3.94
N GLY A 14 -23.24 -2.35 -3.02
CA GLY A 14 -23.61 -2.98 -1.77
C GLY A 14 -23.80 -4.49 -1.80
N GLU A 15 -23.70 -5.10 -2.98
CA GLU A 15 -23.92 -6.52 -3.17
C GLU A 15 -22.71 -7.28 -2.66
N GLN A 16 -22.96 -8.22 -1.76
CA GLN A 16 -21.94 -9.03 -1.12
C GLN A 16 -21.82 -10.43 -1.70
N ARG A 17 -20.60 -10.95 -1.72
CA ARG A 17 -20.36 -12.37 -1.90
C ARG A 17 -19.46 -12.84 -0.77
N LEU A 18 -19.88 -13.89 -0.06
CA LEU A 18 -19.08 -14.48 1.01
C LEU A 18 -18.49 -15.79 0.54
N LEU A 19 -17.17 -15.87 0.55
CA LEU A 19 -16.43 -17.08 0.22
C LEU A 19 -15.81 -17.64 1.49
N GLY A 20 -16.09 -18.91 1.76
CA GLY A 20 -15.69 -19.54 3.00
C GLY A 20 -14.78 -20.74 2.80
N GLU A 21 -14.42 -21.40 3.91
CA GLU A 21 -13.53 -22.55 3.86
C GLU A 21 -12.18 -22.18 3.25
N LEU A 22 -11.57 -21.14 3.80
CA LEU A 22 -10.25 -20.68 3.36
C LEU A 22 -9.23 -20.93 4.47
N THR A 23 -8.02 -21.25 4.08
CA THR A 23 -6.93 -21.38 5.04
C THR A 23 -5.58 -21.03 4.44
N GLY A 24 -4.73 -20.44 5.27
CA GLY A 24 -3.38 -20.06 4.89
C GLY A 24 -3.34 -19.18 3.67
N ALA A 25 -2.53 -19.58 2.70
CA ALA A 25 -2.26 -18.75 1.52
C ALA A 25 -3.42 -18.77 0.52
N ALA A 26 -4.46 -19.55 0.80
CA ALA A 26 -5.65 -19.62 -0.07
C ALA A 26 -6.25 -18.23 -0.34
N CYS A 27 -6.26 -17.36 0.66
CA CYS A 27 -6.81 -16.01 0.49
C CYS A 27 -6.08 -15.25 -0.59
N ALA A 28 -4.76 -15.34 -0.57
CA ALA A 28 -3.91 -14.69 -1.55
C ALA A 28 -4.19 -15.23 -2.95
N THR A 29 -4.32 -16.56 -3.09
CA THR A 29 -4.66 -17.16 -4.38
C THR A 29 -6.02 -16.62 -4.87
N LEU A 30 -6.98 -16.46 -3.96
CA LEU A 30 -8.32 -15.98 -4.34
C LEU A 30 -8.31 -14.53 -4.77
N VAL A 31 -7.61 -13.66 -4.06
CA VAL A 31 -7.55 -12.25 -4.47
C VAL A 31 -6.92 -12.15 -5.84
N ALA A 32 -5.92 -12.99 -6.10
CA ALA A 32 -5.28 -12.99 -7.41
C ALA A 32 -6.27 -13.40 -8.48
N GLU A 33 -7.04 -14.44 -8.20
CA GLU A 33 -8.06 -14.94 -9.13
C GLU A 33 -9.13 -13.89 -9.41
N ILE A 34 -9.58 -13.22 -8.36
CA ILE A 34 -10.62 -12.18 -8.48
C ILE A 34 -10.12 -11.01 -9.32
N ALA A 35 -8.86 -10.62 -9.12
CA ALA A 35 -8.27 -9.53 -9.89
C ALA A 35 -8.16 -9.91 -11.35
N GLU A 36 -7.86 -11.17 -11.61
CA GLU A 36 -7.81 -11.67 -12.98
C GLU A 36 -9.19 -11.78 -13.63
N ARG A 37 -10.21 -12.17 -12.87
CA ARG A 37 -11.57 -12.32 -13.41
C ARG A 37 -12.27 -10.97 -13.62
N HIS A 38 -12.03 -10.04 -12.71
CA HIS A 38 -12.71 -8.76 -12.69
C HIS A 38 -12.08 -7.79 -13.69
N ALA A 39 -12.88 -7.26 -14.61
CA ALA A 39 -12.42 -6.23 -15.53
C ALA A 39 -12.56 -4.91 -14.76
N GLY A 40 -11.45 -4.45 -14.20
CA GLY A 40 -11.47 -3.31 -13.31
C GLY A 40 -10.47 -3.51 -12.19
N PRO A 41 -10.26 -2.49 -11.39
CA PRO A 41 -9.32 -2.60 -10.29
C PRO A 41 -10.01 -3.29 -9.12
N VAL A 42 -9.20 -3.87 -8.24
CA VAL A 42 -9.68 -4.47 -7.01
C VAL A 42 -9.00 -3.75 -5.85
N VAL A 43 -9.78 -3.39 -4.83
CA VAL A 43 -9.24 -2.81 -3.62
C VAL A 43 -9.45 -3.84 -2.50
N LEU A 44 -8.35 -4.33 -1.94
CA LEU A 44 -8.36 -5.33 -0.89
C LEU A 44 -8.23 -4.63 0.46
N ILE A 45 -9.24 -4.77 1.31
CA ILE A 45 -9.20 -4.22 2.64
C ILE A 45 -8.80 -5.31 3.63
N ALA A 46 -7.61 -5.15 4.24
CA ALA A 46 -7.11 -6.07 5.25
C ALA A 46 -7.38 -5.49 6.63
N PRO A 47 -7.55 -6.35 7.63
CA PRO A 47 -7.95 -5.88 8.97
C PRO A 47 -6.92 -4.97 9.65
N ASP A 48 -5.66 -5.15 9.32
CA ASP A 48 -4.62 -4.39 10.00
C ASP A 48 -3.36 -4.38 9.15
N MET A 49 -2.36 -3.64 9.61
CA MET A 49 -1.14 -3.43 8.84
C MET A 49 -0.32 -4.71 8.63
N GLN A 50 -0.25 -5.58 9.65
CA GLN A 50 0.57 -6.79 9.55
C GLN A 50 0.02 -7.72 8.46
N ASN A 51 -1.30 -7.86 8.42
CA ASN A 51 -1.96 -8.64 7.37
C ASN A 51 -1.86 -7.99 5.98
N ALA A 52 -1.91 -6.66 5.89
CA ALA A 52 -1.83 -5.98 4.59
C ALA A 52 -0.48 -6.16 3.92
N LEU A 53 0.59 -6.21 4.72
CA LEU A 53 1.94 -6.38 4.17
C LEU A 53 2.19 -7.84 3.81
N ARG A 54 1.62 -8.75 4.60
CA ARG A 54 1.69 -10.17 4.32
C ARG A 54 0.96 -10.49 3.01
N LEU A 55 -0.21 -9.88 2.85
CA LEU A 55 -1.05 -10.13 1.69
C LEU A 55 -0.44 -9.56 0.41
N HIS A 56 0.29 -8.45 0.53
CA HIS A 56 1.01 -7.86 -0.60
C HIS A 56 2.00 -8.85 -1.22
N ASP A 57 2.83 -9.46 -0.37
CA ASP A 57 3.87 -10.37 -0.84
C ASP A 57 3.26 -11.70 -1.34
N GLU A 58 2.21 -12.17 -0.68
CA GLU A 58 1.59 -13.46 -1.02
C GLU A 58 0.80 -13.39 -2.32
N ILE A 59 -0.02 -12.35 -2.49
CA ILE A 59 -0.79 -12.17 -3.71
C ILE A 59 0.12 -12.01 -4.93
N SER A 60 1.26 -11.37 -4.73
CA SER A 60 2.23 -11.14 -5.81
C SER A 60 2.74 -12.44 -6.45
N GLN A 61 2.91 -13.46 -5.62
CA GLN A 61 3.29 -14.79 -6.07
C GLN A 61 2.33 -15.39 -7.11
N PHE A 62 1.04 -15.15 -6.92
CA PHE A 62 -0.02 -15.82 -7.68
C PHE A 62 -0.64 -15.00 -8.80
N THR A 63 -0.06 -13.83 -9.10
CA THR A 63 -0.51 -13.04 -10.23
C THR A 63 0.60 -12.14 -10.79
N ASP A 64 0.45 -11.80 -12.06
CA ASP A 64 1.37 -10.87 -12.72
C ASP A 64 0.75 -9.49 -12.88
N GLN A 65 -0.48 -9.34 -12.42
CA GLN A 65 -1.10 -8.03 -12.23
C GLN A 65 -0.33 -7.29 -11.13
N MET A 66 -0.35 -5.96 -11.22
CA MET A 66 0.32 -5.13 -10.23
C MET A 66 -0.39 -5.29 -8.88
N VAL A 67 0.42 -5.38 -7.83
CA VAL A 67 -0.05 -5.45 -6.45
C VAL A 67 0.66 -4.33 -5.68
N MET A 68 -0.14 -3.41 -5.15
CA MET A 68 0.36 -2.19 -4.52
C MET A 68 -0.29 -2.04 -3.18
N ASN A 69 0.40 -1.40 -2.26
CA ASN A 69 -0.16 -1.02 -0.98
C ASN A 69 -0.25 0.50 -0.90
N LEU A 70 -1.38 1.02 -0.45
CA LEU A 70 -1.45 2.42 -0.06
C LEU A 70 -0.77 2.49 1.29
N ALA A 71 0.41 3.11 1.31
CA ALA A 71 1.25 3.13 2.49
C ALA A 71 0.59 4.00 3.53
N ASP A 72 0.51 3.46 4.73
CA ASP A 72 0.04 4.21 5.86
C ASP A 72 1.15 5.19 6.26
N TRP A 73 0.79 6.30 6.87
CA TRP A 73 1.78 7.24 7.44
C TRP A 73 2.76 6.56 8.41
N GLU A 74 2.27 5.53 9.10
CA GLU A 74 3.04 4.74 10.08
C GLU A 74 3.45 5.50 11.34
N THR A 75 2.85 6.67 11.54
CA THR A 75 2.85 7.33 12.84
C THR A 75 1.53 6.97 13.52
N LEU A 76 1.47 7.13 14.83
CA LEU A 76 0.21 7.01 15.56
C LEU A 76 -0.56 8.32 15.47
N PRO A 77 -1.89 8.29 15.60
CA PRO A 77 -2.68 9.52 15.59
C PRO A 77 -2.15 10.58 16.58
N TYR A 78 -2.03 11.80 16.07
CA TYR A 78 -1.55 12.95 16.79
C TYR A 78 -0.12 12.73 17.28
N ASP A 79 0.66 12.08 16.42
CA ASP A 79 2.08 11.79 16.68
C ASP A 79 2.86 13.10 16.78
N SER A 80 3.87 13.13 17.64
CA SER A 80 4.80 14.25 17.72
C SER A 80 5.80 14.26 16.54
N PHE A 81 5.75 13.23 15.69
CA PHE A 81 6.70 13.02 14.58
C PHE A 81 5.98 13.03 13.25
N SER A 82 6.72 13.33 12.19
CA SER A 82 6.18 13.34 10.83
C SER A 82 6.56 12.04 10.13
N PRO A 83 5.73 11.57 9.18
CA PRO A 83 6.06 10.35 8.46
C PRO A 83 7.35 10.45 7.67
N HIS A 84 7.95 9.28 7.52
CA HIS A 84 9.15 9.04 6.76
C HIS A 84 8.91 9.54 5.32
N GLN A 85 9.84 10.31 4.79
CA GLN A 85 9.69 10.91 3.46
C GLN A 85 9.43 9.91 2.30
N ASP A 86 9.93 8.69 2.43
CA ASP A 86 9.70 7.61 1.44
C ASP A 86 8.26 7.15 1.44
N ILE A 87 7.65 7.17 2.61
CA ILE A 87 6.24 6.83 2.75
C ILE A 87 5.36 7.87 2.09
N ILE A 88 5.70 9.14 2.26
CA ILE A 88 4.91 10.21 1.68
C ILE A 88 5.00 10.14 0.16
N SER A 89 6.19 9.88 -0.36
CA SER A 89 6.41 9.73 -1.79
C SER A 89 5.55 8.60 -2.39
N SER A 90 5.56 7.46 -1.72
CA SER A 90 4.81 6.26 -2.14
C SER A 90 3.29 6.53 -2.13
N ARG A 91 2.80 7.16 -1.07
CA ARG A 91 1.40 7.52 -0.93
C ARG A 91 0.95 8.48 -2.02
N LEU A 92 1.75 9.50 -2.29
CA LEU A 92 1.40 10.50 -3.28
C LEU A 92 1.32 9.86 -4.67
N SER A 93 2.25 8.96 -4.98
CA SER A 93 2.25 8.22 -6.24
C SER A 93 0.98 7.36 -6.40
N THR A 94 0.67 6.62 -5.36
CA THR A 94 -0.47 5.70 -5.36
C THR A 94 -1.80 6.43 -5.45
N LEU A 95 -1.95 7.49 -4.66
CA LEU A 95 -3.17 8.30 -4.67
C LEU A 95 -3.34 8.93 -6.02
N TYR A 96 -2.25 9.47 -6.56
CA TYR A 96 -2.30 10.20 -7.85
C TYR A 96 -2.77 9.35 -9.04
N GLN A 97 -2.36 8.09 -9.07
CA GLN A 97 -2.72 7.18 -10.17
C GLN A 97 -4.02 6.41 -9.94
N LEU A 98 -4.56 6.45 -8.73
CA LEU A 98 -5.69 5.60 -8.34
C LEU A 98 -6.94 5.79 -9.20
N PRO A 99 -7.35 7.04 -9.43
CA PRO A 99 -8.54 7.26 -10.26
C PRO A 99 -8.48 6.67 -11.68
N THR A 100 -7.29 6.41 -12.24
CA THR A 100 -7.16 5.86 -13.62
C THR A 100 -6.69 4.42 -13.64
N MET A 101 -6.56 3.82 -12.49
CA MET A 101 -6.19 2.43 -12.36
C MET A 101 -7.22 1.59 -13.08
N GLN A 102 -6.76 0.72 -13.96
CA GLN A 102 -7.66 -0.10 -14.78
C GLN A 102 -7.74 -1.52 -14.25
N ARG A 103 -6.59 -2.08 -13.89
CA ARG A 103 -6.48 -3.45 -13.40
C ARG A 103 -5.58 -3.48 -12.18
N GLY A 104 -5.45 -4.65 -11.57
CA GLY A 104 -4.59 -4.83 -10.41
C GLY A 104 -5.27 -4.74 -9.05
N VAL A 105 -4.45 -4.78 -8.02
CA VAL A 105 -4.89 -4.87 -6.63
C VAL A 105 -4.23 -3.76 -5.84
N LEU A 106 -5.05 -2.96 -5.18
CA LEU A 106 -4.58 -2.00 -4.20
C LEU A 106 -5.01 -2.49 -2.84
N ILE A 107 -4.03 -2.70 -1.96
CA ILE A 107 -4.27 -3.20 -0.61
C ILE A 107 -4.25 -2.05 0.36
N VAL A 108 -5.32 -1.91 1.13
CA VAL A 108 -5.48 -0.81 2.09
C VAL A 108 -5.92 -1.42 3.43
N PRO A 109 -5.12 -1.28 4.47
CA PRO A 109 -5.55 -1.73 5.81
C PRO A 109 -6.73 -0.87 6.30
N VAL A 110 -7.55 -1.41 7.19
CA VAL A 110 -8.72 -0.71 7.76
C VAL A 110 -8.35 0.68 8.32
N ASN A 111 -7.34 0.75 9.18
CA ASN A 111 -6.93 2.05 9.76
C ASN A 111 -6.65 3.11 8.67
N THR A 112 -5.98 2.70 7.61
CA THR A 112 -5.66 3.59 6.48
C THR A 112 -6.89 4.01 5.69
N LEU A 113 -7.77 3.06 5.42
CA LEU A 113 -9.01 3.29 4.66
C LEU A 113 -9.93 4.25 5.39
N MET A 114 -9.87 4.29 6.72
CA MET A 114 -10.70 5.19 7.53
C MET A 114 -10.13 6.63 7.61
N GLN A 115 -8.86 6.80 7.26
CA GLN A 115 -8.25 8.10 7.32
C GLN A 115 -8.66 8.90 6.07
N ARG A 116 -9.22 10.09 6.29
CA ARG A 116 -9.52 11.02 5.20
C ARG A 116 -8.24 11.48 4.49
N VAL A 117 -8.37 11.88 3.24
CA VAL A 117 -7.19 12.16 2.43
C VAL A 117 -7.32 13.53 1.81
N CYS A 118 -6.21 14.10 1.35
CA CYS A 118 -6.28 15.28 0.44
C CYS A 118 -7.09 14.88 -0.77
N PRO A 119 -7.81 15.85 -1.39
CA PRO A 119 -8.57 15.57 -2.60
C PRO A 119 -7.65 15.46 -3.84
N HIS A 120 -8.02 14.55 -4.72
CA HIS A 120 -7.16 14.27 -5.84
C HIS A 120 -6.89 15.60 -6.58
N SER A 121 -7.83 16.54 -6.49
CA SER A 121 -7.75 17.82 -7.23
C SER A 121 -6.53 18.62 -6.74
N PHE A 122 -6.15 18.47 -5.51
CA PHE A 122 -4.94 19.08 -5.03
C PHE A 122 -3.68 18.49 -5.65
N LEU A 123 -3.63 17.18 -5.83
CA LEU A 123 -2.42 16.52 -6.33
C LEU A 123 -2.16 16.97 -7.74
N HIS A 124 -3.21 16.92 -8.54
CA HIS A 124 -3.10 17.30 -9.92
C HIS A 124 -2.91 18.82 -10.03
N GLY A 125 -3.56 19.59 -9.17
CA GLY A 125 -3.47 21.03 -9.17
C GLY A 125 -2.08 21.57 -8.82
N HIS A 126 -1.28 20.80 -8.07
CA HIS A 126 0.09 21.21 -7.72
C HIS A 126 1.17 20.40 -8.44
N ALA A 127 0.78 19.53 -9.37
CA ALA A 127 1.73 18.74 -10.15
C ALA A 127 2.50 19.59 -11.17
N LEU A 128 3.70 19.14 -11.53
CA LEU A 128 4.52 19.78 -12.56
C LEU A 128 5.11 18.75 -13.51
N VAL A 129 5.06 19.02 -14.79
CA VAL A 129 5.78 18.21 -15.77
C VAL A 129 6.79 19.12 -16.47
N MET A 130 7.93 18.55 -16.86
CA MET A 130 8.87 19.24 -17.75
C MET A 130 9.57 18.30 -18.73
N LYS A 131 9.96 18.84 -19.87
CA LYS A 131 10.49 18.08 -20.98
C LYS A 131 11.83 18.64 -21.38
N LYS A 132 12.69 17.82 -22.00
CA LYS A 132 13.93 18.29 -22.60
C LYS A 132 13.56 19.28 -23.72
N GLY A 133 14.36 20.33 -23.88
CA GLY A 133 14.11 21.39 -24.84
C GLY A 133 12.96 22.36 -24.53
N GLN A 134 12.30 22.17 -23.39
CA GLN A 134 11.16 22.98 -22.96
C GLN A 134 11.65 24.25 -22.25
N ARG A 135 10.93 25.35 -22.42
CA ARG A 135 11.45 26.68 -22.05
C ARG A 135 11.35 27.00 -20.56
N LEU A 136 12.26 26.43 -19.78
CA LEU A 136 12.29 26.63 -18.34
C LEU A 136 13.67 27.18 -17.94
N SER A 137 13.69 28.23 -17.13
CA SER A 137 14.92 28.78 -16.55
C SER A 137 15.14 28.13 -15.19
N ARG A 138 16.38 28.05 -14.74
CA ARG A 138 16.68 27.44 -13.44
C ARG A 138 16.02 28.24 -12.31
N ASP A 139 15.99 29.57 -12.47
CA ASP A 139 15.35 30.45 -11.48
C ASP A 139 13.84 30.28 -11.45
N ALA A 140 13.25 30.04 -12.62
CA ALA A 140 11.79 29.89 -12.75
C ALA A 140 11.32 28.58 -12.12
N LEU A 141 12.12 27.53 -12.29
CA LEU A 141 11.80 26.24 -11.76
C LEU A 141 11.89 26.28 -10.22
N ARG A 142 12.91 26.97 -9.70
CA ARG A 142 13.14 27.06 -8.26
C ARG A 142 11.94 27.65 -7.52
N THR A 143 11.34 28.69 -8.10
CA THR A 143 10.21 29.38 -7.47
C THR A 143 8.97 28.48 -7.42
N GLN A 144 8.78 27.64 -8.44
CA GLN A 144 7.66 26.68 -8.47
C GLN A 144 7.89 25.62 -7.40
N LEU A 145 9.13 25.13 -7.32
CA LEU A 145 9.49 24.11 -6.35
C LEU A 145 9.27 24.56 -4.91
N ASP A 146 9.58 25.83 -4.61
CA ASP A 146 9.40 26.38 -3.27
C ASP A 146 7.91 26.41 -2.90
N SER A 147 7.08 26.90 -3.82
CA SER A 147 5.63 26.95 -3.60
C SER A 147 5.01 25.54 -3.51
N ALA A 148 5.64 24.57 -4.17
CA ALA A 148 5.19 23.19 -4.16
C ALA A 148 5.65 22.45 -2.92
N GLY A 149 6.41 23.12 -2.06
CA GLY A 149 6.78 22.60 -0.75
C GLY A 149 8.18 22.00 -0.66
N TYR A 150 8.90 21.99 -1.78
CA TYR A 150 10.21 21.34 -1.85
C TYR A 150 11.26 22.10 -1.04
N ARG A 151 12.21 21.36 -0.47
CA ARG A 151 13.21 21.91 0.44
C ARG A 151 14.52 22.15 -0.29
N HIS A 152 14.99 23.38 -0.26
CA HIS A 152 16.28 23.78 -0.84
C HIS A 152 17.46 23.31 0.02
N VAL A 153 18.19 22.30 -0.45
CA VAL A 153 19.41 21.81 0.22
C VAL A 153 20.63 22.05 -0.66
N ASP A 154 21.83 21.85 -0.10
CA ASP A 154 23.07 21.91 -0.88
C ASP A 154 23.29 20.65 -1.70
N GLN A 155 22.82 19.51 -1.18
CA GLN A 155 22.98 18.22 -1.85
C GLN A 155 21.74 17.34 -1.64
N VAL A 156 21.10 16.95 -2.74
CA VAL A 156 19.87 16.17 -2.73
C VAL A 156 20.11 14.73 -2.28
N MET A 157 19.47 14.34 -1.20
CA MET A 157 19.55 12.96 -0.68
C MET A 157 18.19 12.28 -0.50
N GLU A 158 17.12 13.06 -0.32
CA GLU A 158 15.78 12.53 -0.03
C GLU A 158 14.69 13.11 -0.94
N HIS A 159 13.54 12.43 -0.96
CA HIS A 159 12.35 12.93 -1.63
C HIS A 159 11.97 14.31 -1.09
N GLY A 160 11.50 15.17 -1.98
CA GLY A 160 11.00 16.48 -1.63
C GLY A 160 12.08 17.53 -1.50
N GLU A 161 13.29 17.26 -2.02
CA GLU A 161 14.44 18.17 -1.96
C GLU A 161 14.84 18.65 -3.37
N TYR A 162 15.46 19.82 -3.43
CA TYR A 162 16.12 20.31 -4.64
C TYR A 162 17.40 21.07 -4.28
N ALA A 163 18.36 21.08 -5.18
CA ALA A 163 19.61 21.80 -5.02
C ALA A 163 19.90 22.62 -6.27
N THR A 164 20.30 23.88 -6.09
CA THR A 164 20.68 24.75 -7.21
C THR A 164 22.16 24.99 -7.12
N ARG A 165 22.89 24.33 -8.01
CA ARG A 165 24.34 24.37 -8.00
C ARG A 165 24.81 24.81 -9.37
N GLY A 166 25.07 26.12 -9.50
CA GLY A 166 25.61 26.70 -10.71
C GLY A 166 24.61 26.79 -11.85
N ALA A 167 24.85 25.99 -12.88
CA ALA A 167 23.98 25.96 -14.06
C ALA A 167 23.03 24.77 -14.00
N LEU A 168 23.08 24.02 -12.90
CA LEU A 168 22.25 22.83 -12.74
C LEU A 168 21.23 22.98 -11.61
N LEU A 169 20.15 22.21 -11.74
CA LEU A 169 19.22 21.99 -10.64
C LEU A 169 18.99 20.48 -10.47
N ASP A 170 19.31 19.97 -9.29
CA ASP A 170 18.97 18.61 -8.88
C ASP A 170 17.65 18.65 -8.12
N LEU A 171 16.85 17.60 -8.25
CA LEU A 171 15.61 17.47 -7.49
C LEU A 171 15.20 16.01 -7.38
N PHE A 172 14.58 15.66 -6.25
CA PHE A 172 14.10 14.31 -6.00
C PHE A 172 12.57 14.41 -5.93
N PRO A 173 11.88 14.19 -7.05
CA PRO A 173 10.42 14.36 -7.06
C PRO A 173 9.70 13.44 -6.11
N MET A 174 8.75 13.98 -5.36
CA MET A 174 7.78 13.13 -4.67
C MET A 174 7.03 12.34 -5.74
N GLY A 175 6.93 11.03 -5.51
CA GLY A 175 6.25 10.13 -6.42
C GLY A 175 7.18 9.43 -7.40
N SER A 176 8.47 9.72 -7.33
CA SER A 176 9.48 9.10 -8.18
C SER A 176 10.48 8.28 -7.37
N GLU A 177 10.88 7.14 -7.89
CA GLU A 177 11.91 6.31 -7.26
C GLU A 177 13.30 6.96 -7.31
N LEU A 178 13.56 7.70 -8.38
CA LEU A 178 14.88 8.30 -8.63
C LEU A 178 14.85 9.83 -8.60
N PRO A 179 16.01 10.44 -8.32
CA PRO A 179 16.20 11.89 -8.47
C PRO A 179 16.72 12.23 -9.86
N TYR A 180 16.66 13.50 -10.21
CA TYR A 180 17.03 13.97 -11.56
C TYR A 180 17.91 15.22 -11.50
N ARG A 181 18.79 15.33 -12.48
CA ARG A 181 19.73 16.43 -12.64
C ARG A 181 19.39 17.14 -13.95
N LEU A 182 19.03 18.41 -13.89
CA LEU A 182 18.63 19.17 -15.08
C LEU A 182 19.70 20.18 -15.39
N ASP A 183 20.12 20.28 -16.65
CA ASP A 183 21.01 21.37 -17.03
C ASP A 183 20.28 22.33 -17.94
N PHE A 184 20.70 23.58 -17.86
CA PHE A 184 20.02 24.69 -18.49
C PHE A 184 20.96 25.41 -19.42
N PHE A 185 20.57 25.52 -20.68
CA PHE A 185 21.24 26.43 -21.61
C PHE A 185 20.16 27.27 -22.30
N ASP A 186 20.25 28.58 -22.10
CA ASP A 186 19.38 29.60 -22.69
C ASP A 186 17.94 29.60 -22.20
N ASP A 187 17.76 29.42 -20.91
CA ASP A 187 16.44 29.32 -20.29
C ASP A 187 15.51 28.26 -20.92
N GLU A 188 16.11 27.19 -21.46
CA GLU A 188 15.39 25.93 -21.68
C GLU A 188 16.18 24.75 -21.11
N ILE A 189 15.46 23.67 -20.75
CA ILE A 189 16.08 22.47 -20.20
C ILE A 189 16.90 21.74 -21.27
N ASP A 190 18.21 21.88 -21.19
CA ASP A 190 19.14 21.16 -22.07
C ASP A 190 19.04 19.63 -21.93
N SER A 191 18.92 19.13 -20.71
CA SER A 191 18.78 17.69 -20.47
C SER A 191 18.26 17.36 -19.08
N LEU A 192 17.70 16.17 -18.95
CA LEU A 192 17.27 15.58 -17.69
C LEU A 192 17.93 14.22 -17.57
N ARG A 193 18.56 13.94 -16.44
CA ARG A 193 19.25 12.66 -16.25
C ARG A 193 18.99 12.13 -14.85
N VAL A 194 18.71 10.83 -14.75
CA VAL A 194 18.70 10.17 -13.47
C VAL A 194 20.09 10.39 -12.87
N PHE A 195 20.16 10.52 -11.56
CA PHE A 195 21.44 10.45 -10.88
C PHE A 195 21.33 9.63 -9.61
N ASP A 196 22.48 9.23 -9.09
CA ASP A 196 22.56 8.36 -7.92
C ASP A 196 22.90 9.19 -6.70
N VAL A 197 22.01 9.21 -5.69
CA VAL A 197 22.21 10.02 -4.49
C VAL A 197 23.48 9.75 -3.68
N ASP A 198 23.95 8.50 -3.68
CA ASP A 198 25.09 8.11 -2.84
C ASP A 198 26.42 8.59 -3.44
N SER A 199 26.56 8.45 -4.75
CA SER A 199 27.77 8.87 -5.47
C SER A 199 27.63 10.23 -6.13
N GLN A 200 26.39 10.73 -6.18
CA GLN A 200 26.02 11.98 -6.84
C GLN A 200 26.41 12.04 -8.32
N ARG A 201 26.46 10.89 -8.98
CA ARG A 201 26.93 10.79 -10.35
C ARG A 201 25.78 10.60 -11.33
N THR A 202 25.87 11.28 -12.47
CA THR A 202 24.86 11.22 -13.52
C THR A 202 24.77 9.83 -14.14
N LEU A 203 23.55 9.36 -14.36
CA LEU A 203 23.27 8.12 -15.07
C LEU A 203 22.52 8.44 -16.37
N GLU A 204 21.58 7.57 -16.74
CA GLU A 204 20.80 7.64 -18.01
C GLU A 204 20.03 8.93 -18.25
N GLU A 205 19.92 9.33 -19.53
CA GLU A 205 19.11 10.47 -19.93
C GLU A 205 17.63 10.09 -20.11
N VAL A 206 16.74 10.96 -19.63
CA VAL A 206 15.29 10.78 -19.75
C VAL A 206 14.63 11.93 -20.52
N GLU A 207 13.48 11.64 -21.10
CA GLU A 207 12.76 12.57 -21.97
C GLU A 207 12.01 13.63 -21.16
N ALA A 208 11.37 13.20 -20.08
CA ALA A 208 10.53 14.07 -19.28
C ALA A 208 10.28 13.51 -17.88
N ILE A 209 9.95 14.39 -16.94
CA ILE A 209 9.59 13.98 -15.58
C ILE A 209 8.32 14.68 -15.09
N ASN A 210 7.64 14.05 -14.15
CA ASN A 210 6.48 14.62 -13.46
C ASN A 210 6.84 14.71 -11.99
N LEU A 211 6.49 15.84 -11.35
CA LEU A 211 6.66 15.98 -9.90
C LEU A 211 5.30 16.15 -9.26
N LEU A 212 5.17 15.63 -8.06
CA LEU A 212 4.00 15.88 -7.24
C LEU A 212 4.41 16.83 -6.12
N PRO A 213 3.46 17.45 -5.44
CA PRO A 213 3.79 18.37 -4.35
C PRO A 213 4.56 17.64 -3.24
N ALA A 214 5.32 18.37 -2.43
CA ALA A 214 6.20 17.76 -1.43
C ALA A 214 5.47 17.21 -0.22
N HIS A 215 4.20 17.60 -0.05
CA HIS A 215 3.35 17.09 1.03
C HIS A 215 1.95 16.80 0.53
N GLU A 216 1.13 16.19 1.40
CA GLU A 216 -0.29 15.96 1.09
C GLU A 216 -1.14 17.15 1.53
N PHE A 217 -0.52 18.33 1.54
CA PHE A 217 -1.19 19.59 1.81
C PHE A 217 -0.36 20.74 1.20
N PRO A 218 -1.02 21.82 0.79
CA PRO A 218 -0.31 22.98 0.25
C PRO A 218 0.40 23.75 1.36
N THR A 219 1.54 24.32 1.02
CA THR A 219 2.32 25.09 1.98
C THR A 219 2.76 26.44 1.42
N ASP A 220 2.15 26.85 0.31
CA ASP A 220 2.42 28.17 -0.26
C ASP A 220 1.86 29.30 0.63
N LYS A 221 2.14 30.55 0.26
CA LYS A 221 1.76 31.73 1.05
C LYS A 221 0.26 31.75 1.31
N ALA A 222 -0.53 31.48 0.27
CA ALA A 222 -1.99 31.45 0.36
C ALA A 222 -2.50 30.37 1.31
N ALA A 223 -1.86 29.20 1.28
CA ALA A 223 -2.24 28.09 2.19
C ALA A 223 -1.85 28.34 3.64
N ILE A 224 -0.78 29.09 3.85
CA ILE A 224 -0.37 29.49 5.19
C ILE A 224 -1.38 30.50 5.75
N GLU A 225 -1.79 31.43 4.91
CA GLU A 225 -2.82 32.40 5.28
C GLU A 225 -4.13 31.70 5.59
N LEU A 226 -4.45 30.66 4.83
CA LEU A 226 -5.67 29.91 5.06
C LEU A 226 -5.53 29.17 6.38
N PHE A 227 -4.39 28.55 6.59
CA PHE A 227 -4.12 27.77 7.80
C PHE A 227 -4.27 28.65 9.04
N ARG A 228 -3.69 29.84 8.99
CA ARG A 228 -3.78 30.80 10.09
C ARG A 228 -5.23 31.18 10.37
N SER A 229 -5.98 31.48 9.32
CA SER A 229 -7.37 31.86 9.48
C SER A 229 -8.22 30.73 10.06
N GLN A 230 -8.05 29.53 9.53
CA GLN A 230 -8.82 28.39 10.00
C GLN A 230 -8.35 27.95 11.39
N TRP A 231 -7.06 28.16 11.68
CA TRP A 231 -6.55 27.90 13.03
C TRP A 231 -7.24 28.82 14.04
N ARG A 232 -7.46 30.08 13.68
CA ARG A 232 -8.09 31.03 14.61
C ARG A 232 -9.57 30.74 14.81
N ASP A 233 -10.24 30.27 13.76
CA ASP A 233 -11.65 29.85 13.88
C ASP A 233 -11.83 28.65 14.80
N THR A 234 -10.73 27.94 15.10
CA THR A 234 -10.77 26.66 15.80
C THR A 234 -10.14 26.69 17.20
N PHE A 235 -8.96 27.31 17.30
CA PHE A 235 -8.12 27.25 18.50
C PHE A 235 -7.66 28.65 18.91
N GLU A 236 -7.09 28.72 20.11
CA GLU A 236 -6.32 29.87 20.57
C GLU A 236 -4.91 29.90 19.97
N VAL A 237 -4.30 31.08 20.00
CA VAL A 237 -2.91 31.29 19.60
C VAL A 237 -2.13 31.84 20.78
N LYS A 238 -1.06 31.15 21.18
CA LYS A 238 -0.15 31.63 22.23
C LYS A 238 1.06 32.26 21.54
N ARG A 239 1.76 33.14 22.25
CA ARG A 239 2.89 33.88 21.70
C ARG A 239 4.15 33.01 21.56
N ASP A 240 4.23 31.94 22.34
CA ASP A 240 5.44 31.12 22.45
C ASP A 240 5.85 30.61 21.07
N PRO A 241 7.13 30.70 20.71
CA PRO A 241 7.58 30.28 19.38
C PRO A 241 7.37 28.79 19.05
N GLU A 242 7.16 27.94 20.07
CA GLU A 242 6.93 26.51 19.84
C GLU A 242 5.44 26.19 19.59
N HIS A 243 4.60 27.22 19.59
CA HIS A 243 3.20 27.09 19.22
C HIS A 243 3.09 26.82 17.72
N ILE A 244 2.21 25.90 17.36
CA ILE A 244 2.06 25.45 15.97
C ILE A 244 1.79 26.62 15.05
N TYR A 245 0.86 27.49 15.45
CA TYR A 245 0.48 28.67 14.67
C TYR A 245 1.69 29.54 14.36
N GLN A 246 2.53 29.77 15.37
CA GLN A 246 3.73 30.59 15.21
C GLN A 246 4.70 29.95 14.22
N GLN A 247 4.91 28.65 14.34
CA GLN A 247 5.86 27.94 13.49
C GLN A 247 5.46 27.94 12.02
N VAL A 248 4.22 27.56 11.74
CA VAL A 248 3.72 27.52 10.37
C VAL A 248 3.69 28.91 9.76
N SER A 249 3.40 29.92 10.57
CA SER A 249 3.34 31.30 10.09
C SER A 249 4.70 31.80 9.58
N LYS A 250 5.77 31.31 10.19
CA LYS A 250 7.15 31.64 9.77
C LYS A 250 7.69 30.77 8.61
N GLY A 251 6.86 29.90 8.06
CA GLY A 251 7.29 29.01 6.98
C GLY A 251 7.97 27.73 7.46
N THR A 252 7.79 27.38 8.73
CA THR A 252 8.38 26.18 9.32
C THR A 252 7.31 25.11 9.55
N LEU A 253 7.59 23.88 9.11
CA LEU A 253 6.65 22.80 9.32
C LEU A 253 7.09 22.02 10.56
N PRO A 254 6.37 22.17 11.66
CA PRO A 254 6.72 21.40 12.88
C PRO A 254 6.62 19.89 12.67
N ALA A 255 7.39 19.11 13.42
CA ALA A 255 7.24 17.67 13.38
C ALA A 255 5.78 17.37 13.69
N GLY A 256 5.21 16.35 13.05
CA GLY A 256 3.84 15.98 13.33
C GLY A 256 2.78 16.93 12.77
N ILE A 257 3.18 17.85 11.90
CA ILE A 257 2.24 18.81 11.34
C ILE A 257 1.13 18.14 10.52
N GLU A 258 1.39 16.93 10.03
CA GLU A 258 0.43 16.16 9.26
C GLU A 258 -0.93 16.01 9.93
N TYR A 259 -0.96 15.98 11.26
CA TYR A 259 -2.23 15.83 11.95
C TYR A 259 -3.06 17.11 12.12
N TRP A 260 -2.57 18.21 11.54
CA TRP A 260 -3.40 19.38 11.29
C TRP A 260 -3.60 19.58 9.79
N GLN A 261 -3.46 18.51 9.02
CA GLN A 261 -3.61 18.57 7.56
C GLN A 261 -4.90 19.29 7.11
N PRO A 262 -6.04 19.02 7.74
CA PRO A 262 -7.29 19.69 7.32
C PRO A 262 -7.26 21.23 7.31
N LEU A 263 -6.43 21.85 8.17
CA LEU A 263 -6.35 23.32 8.23
C LEU A 263 -5.71 23.98 7.00
N PHE A 264 -5.01 23.21 6.17
CA PHE A 264 -4.44 23.70 4.92
C PHE A 264 -5.44 23.69 3.75
N PHE A 265 -6.65 23.17 3.98
CA PHE A 265 -7.68 23.08 2.95
C PHE A 265 -8.97 23.79 3.37
N SER A 266 -9.60 24.45 2.41
CA SER A 266 -10.81 25.23 2.66
C SER A 266 -12.08 24.37 2.71
N GLU A 267 -11.97 23.10 2.33
CA GLU A 267 -13.10 22.17 2.40
C GLU A 267 -12.68 20.93 3.21
N PRO A 268 -13.63 20.15 3.68
CA PRO A 268 -13.32 18.94 4.44
C PRO A 268 -12.56 17.92 3.59
N LEU A 269 -11.71 17.14 4.21
CA LEU A 269 -10.96 16.13 3.50
C LEU A 269 -11.91 15.00 3.09
N PRO A 270 -11.91 14.59 1.83
CA PRO A 270 -12.76 13.47 1.40
C PRO A 270 -12.33 12.10 1.95
N PRO A 271 -13.24 11.14 1.95
CA PRO A 271 -12.86 9.73 2.00
C PRO A 271 -12.01 9.30 0.81
N LEU A 272 -11.17 8.30 1.05
CA LEU A 272 -10.33 7.64 0.05
C LEU A 272 -11.17 7.05 -1.06
N PHE A 273 -12.39 6.65 -0.71
CA PHE A 273 -13.39 6.14 -1.66
C PHE A 273 -13.62 7.07 -2.84
N SER A 274 -13.40 8.38 -2.66
CA SER A 274 -13.59 9.38 -3.74
C SER A 274 -12.60 9.23 -4.88
N TYR A 275 -11.51 8.53 -4.61
CA TYR A 275 -10.50 8.20 -5.60
C TYR A 275 -10.81 6.95 -6.40
N PHE A 276 -11.64 6.05 -5.87
CA PHE A 276 -11.84 4.76 -6.52
C PHE A 276 -12.58 4.89 -7.85
N PRO A 277 -12.08 4.30 -8.92
CA PRO A 277 -12.82 4.24 -10.20
C PRO A 277 -14.20 3.58 -10.04
N ALA A 278 -15.17 3.94 -10.87
CA ALA A 278 -16.54 3.43 -10.72
C ALA A 278 -16.64 1.90 -10.84
N ASN A 279 -15.71 1.27 -11.55
CA ASN A 279 -15.71 -0.17 -11.77
C ASN A 279 -14.86 -0.96 -10.76
N THR A 280 -14.68 -0.39 -9.56
CA THR A 280 -13.87 -0.97 -8.53
C THR A 280 -14.66 -2.07 -7.82
N LEU A 281 -14.03 -3.22 -7.66
CA LEU A 281 -14.57 -4.29 -6.81
C LEU A 281 -13.80 -4.32 -5.51
N LEU A 282 -14.51 -4.36 -4.38
CA LEU A 282 -13.86 -4.49 -3.08
C LEU A 282 -13.74 -5.95 -2.71
N VAL A 283 -12.67 -6.25 -1.98
CA VAL A 283 -12.49 -7.54 -1.32
C VAL A 283 -12.00 -7.25 0.08
N ASN A 284 -12.37 -8.07 1.06
CA ASN A 284 -11.81 -7.92 2.40
C ASN A 284 -11.63 -9.24 3.09
N THR A 285 -10.69 -9.25 4.04
CA THR A 285 -10.45 -10.36 4.94
C THR A 285 -10.81 -9.93 6.34
N GLY A 286 -10.79 -10.87 7.27
CA GLY A 286 -11.06 -10.57 8.66
C GLY A 286 -12.46 -10.03 8.96
N ASP A 287 -12.54 -9.28 10.06
CA ASP A 287 -13.78 -8.80 10.64
C ASP A 287 -13.68 -7.28 10.55
N LEU A 288 -14.27 -6.73 9.50
CA LEU A 288 -14.15 -5.31 9.22
C LEU A 288 -14.81 -4.44 10.27
N GLU A 289 -15.89 -4.94 10.89
CA GLU A 289 -16.61 -4.15 11.89
C GLU A 289 -15.82 -4.03 13.19
N THR A 290 -15.27 -5.14 13.65
CA THR A 290 -14.52 -5.13 14.91
C THR A 290 -13.20 -4.40 14.72
N SER A 291 -12.59 -4.56 13.54
CA SER A 291 -11.37 -3.83 13.21
C SER A 291 -11.62 -2.32 13.16
N ALA A 292 -12.68 -1.91 12.46
CA ALA A 292 -13.05 -0.50 12.38
C ALA A 292 -13.39 0.11 13.76
N GLU A 293 -14.06 -0.66 14.61
CA GLU A 293 -14.44 -0.20 15.94
C GLU A 293 -13.24 -0.03 16.83
N ARG A 294 -12.31 -0.99 16.76
CA ARG A 294 -11.06 -0.91 17.48
C ARG A 294 -10.24 0.31 17.04
N PHE A 295 -10.15 0.58 15.75
CA PHE A 295 -9.42 1.75 15.30
C PHE A 295 -10.06 3.03 15.81
N GLN A 296 -11.39 3.13 15.65
CA GLN A 296 -12.11 4.32 16.09
C GLN A 296 -11.87 4.60 17.55
N ALA A 297 -11.94 3.55 18.38
CA ALA A 297 -11.68 3.69 19.77
C ALA A 297 -10.24 4.13 19.97
N ASP A 298 -9.34 3.63 19.12
CA ASP A 298 -7.91 3.86 19.34
C ASP A 298 -7.63 5.31 19.04
N THR A 299 -8.28 5.83 18.02
CA THR A 299 -8.08 7.19 17.59
C THR A 299 -8.66 8.19 18.59
N LEU A 300 -9.78 7.83 19.21
CA LEU A 300 -10.33 8.64 20.30
C LEU A 300 -9.41 8.66 21.51
N ALA A 301 -8.84 7.51 21.87
CA ALA A 301 -7.90 7.48 22.98
C ALA A 301 -6.72 8.41 22.69
N ARG A 302 -6.24 8.41 21.46
CA ARG A 302 -5.13 9.30 21.12
C ARG A 302 -5.53 10.77 21.32
N PHE A 303 -6.77 11.11 20.95
CA PHE A 303 -7.29 12.49 21.04
C PHE A 303 -7.35 12.92 22.49
N GLU A 304 -7.89 12.05 23.31
CA GLU A 304 -8.15 12.37 24.71
C GLU A 304 -6.87 12.50 25.51
N ASN A 305 -5.85 11.72 25.14
CA ASN A 305 -4.65 11.59 25.97
C ASN A 305 -3.56 12.56 25.54
N ARG A 306 -3.70 13.13 24.35
CA ARG A 306 -2.66 13.96 23.76
C ARG A 306 -3.14 15.39 23.56
N GLY A 307 -4.34 15.72 24.04
CA GLY A 307 -4.98 16.98 23.73
C GLY A 307 -4.78 18.07 24.76
N VAL A 308 -3.75 17.89 25.58
CA VAL A 308 -3.56 18.63 26.82
C VAL A 308 -2.36 19.61 26.72
N ASP A 309 -1.74 19.68 25.54
CA ASP A 309 -0.57 20.51 25.30
C ASP A 309 -1.00 21.88 24.74
N PRO A 310 -0.75 22.98 25.47
CA PRO A 310 -1.18 24.31 25.02
C PRO A 310 -0.52 24.84 23.73
N MET A 311 0.62 24.27 23.37
CA MET A 311 1.30 24.58 22.11
C MET A 311 0.71 23.80 20.92
N ARG A 312 0.12 22.63 21.20
CA ARG A 312 -0.36 21.71 20.19
C ARG A 312 -1.79 21.21 20.44
N PRO A 313 -2.78 22.11 20.45
CA PRO A 313 -4.17 21.68 20.57
C PRO A 313 -4.56 20.88 19.33
N LEU A 314 -5.34 19.82 19.49
CA LEU A 314 -5.61 18.88 18.40
C LEU A 314 -6.98 19.06 17.79
N LEU A 315 -7.03 18.84 16.48
CA LEU A 315 -8.30 18.75 15.79
C LEU A 315 -9.07 17.53 16.20
N PRO A 316 -10.40 17.64 16.23
CA PRO A 316 -11.23 16.48 16.54
C PRO A 316 -11.03 15.37 15.49
N PRO A 317 -11.09 14.12 15.94
CA PRO A 317 -10.86 12.96 15.07
C PRO A 317 -11.67 12.97 13.77
N GLN A 318 -12.92 13.41 13.85
CA GLN A 318 -13.79 13.48 12.67
C GLN A 318 -13.20 14.30 11.51
N SER A 319 -12.33 15.26 11.83
CA SER A 319 -11.65 16.04 10.80
C SER A 319 -10.62 15.23 9.97
N LEU A 320 -10.11 14.14 10.53
CA LEU A 320 -9.10 13.32 9.84
C LEU A 320 -9.52 11.87 9.51
N TRP A 321 -10.52 11.32 10.24
CA TRP A 321 -10.94 9.91 10.09
C TRP A 321 -12.46 9.78 9.98
N LEU A 322 -12.89 8.86 9.12
CA LEU A 322 -14.28 8.42 9.06
C LEU A 322 -14.68 7.75 10.35
N ARG A 323 -15.94 7.98 10.77
CA ARG A 323 -16.55 7.21 11.84
C ARG A 323 -16.83 5.85 11.24
N VAL A 324 -17.06 4.89 12.09
CA VAL A 324 -17.37 3.55 11.65
C VAL A 324 -18.68 3.48 10.88
N ASP A 325 -19.70 4.22 11.31
CA ASP A 325 -20.96 4.21 10.56
C ASP A 325 -20.79 4.91 9.19
N GLU A 326 -19.92 5.90 9.13
CA GLU A 326 -19.57 6.54 7.86
C GLU A 326 -18.83 5.58 6.92
N LEU A 327 -17.95 4.77 7.46
CA LEU A 327 -17.20 3.78 6.68
C LEU A 327 -18.16 2.80 6.06
N PHE A 328 -19.10 2.27 6.85
CA PHE A 328 -20.05 1.32 6.29
C PHE A 328 -21.04 1.96 5.32
N SER A 329 -21.27 3.26 5.47
CA SER A 329 -22.07 4.03 4.54
C SER A 329 -21.38 4.16 3.20
N GLU A 330 -20.04 4.29 3.22
CA GLU A 330 -19.28 4.40 1.98
C GLU A 330 -19.24 3.02 1.35
N LEU A 331 -19.12 1.97 2.17
CA LEU A 331 -19.00 0.61 1.64
C LEU A 331 -20.26 0.18 0.87
N LYS A 332 -21.42 0.74 1.24
CA LYS A 332 -22.71 0.40 0.60
C LYS A 332 -22.77 0.75 -0.89
N ASN A 333 -21.85 1.60 -1.37
CA ASN A 333 -21.83 1.99 -2.78
C ASN A 333 -21.05 1.03 -3.70
N TRP A 334 -20.47 -0.02 -3.12
CA TRP A 334 -19.54 -0.89 -3.83
C TRP A 334 -19.85 -2.38 -3.64
N PRO A 335 -19.69 -3.17 -4.70
CA PRO A 335 -19.76 -4.62 -4.55
C PRO A 335 -18.55 -5.10 -3.78
N ARG A 336 -18.74 -6.11 -2.96
CA ARG A 336 -17.67 -6.59 -2.10
C ARG A 336 -17.66 -8.11 -1.97
N VAL A 337 -16.46 -8.69 -2.08
CA VAL A 337 -16.24 -10.08 -1.75
C VAL A 337 -15.66 -10.14 -0.34
N GLN A 338 -16.32 -10.85 0.55
CA GLN A 338 -15.77 -11.14 1.89
C GLN A 338 -15.16 -12.53 1.91
N LEU A 339 -13.91 -12.62 2.35
CA LEU A 339 -13.19 -13.88 2.41
C LEU A 339 -13.18 -14.34 3.85
N LYS A 340 -13.68 -15.55 4.08
CA LYS A 340 -13.86 -16.08 5.43
C LYS A 340 -13.17 -17.42 5.60
N THR A 341 -12.61 -17.64 6.79
CA THR A 341 -11.96 -18.93 7.06
C THR A 341 -12.98 -20.04 7.29
N GLU A 342 -14.10 -19.68 7.89
CA GLU A 342 -15.02 -20.68 8.42
C GLU A 342 -15.84 -21.31 7.29
N HIS A 343 -16.32 -22.52 7.54
CA HIS A 343 -17.26 -23.18 6.66
C HIS A 343 -18.63 -22.48 6.77
N LEU A 344 -19.15 -22.00 5.64
CA LEU A 344 -20.40 -21.22 5.66
C LEU A 344 -21.61 -22.13 5.44
N PRO A 345 -22.77 -21.74 5.98
CA PRO A 345 -24.04 -22.43 5.62
C PRO A 345 -24.51 -22.03 4.23
N THR A 346 -25.42 -22.80 3.64
CA THR A 346 -25.99 -22.47 2.34
C THR A 346 -26.78 -21.16 2.42
N LYS A 347 -26.43 -20.21 1.55
CA LYS A 347 -27.10 -18.92 1.44
C LYS A 347 -26.89 -18.39 0.03
N ALA A 348 -27.80 -17.55 -0.45
CA ALA A 348 -27.71 -16.99 -1.80
C ALA A 348 -26.32 -16.41 -2.07
N ALA A 349 -25.79 -15.63 -1.13
CA ALA A 349 -24.52 -14.93 -1.32
C ALA A 349 -23.27 -15.73 -0.91
N ASN A 350 -23.43 -16.96 -0.42
CA ASN A 350 -22.32 -17.76 0.10
C ASN A 350 -21.82 -18.85 -0.87
N ALA A 351 -20.51 -19.04 -0.94
CA ALA A 351 -19.91 -20.24 -1.55
C ALA A 351 -18.73 -20.73 -0.72
N ASN A 352 -18.68 -22.02 -0.40
CA ASN A 352 -17.52 -22.64 0.24
C ASN A 352 -16.57 -23.09 -0.85
N LEU A 353 -15.27 -22.92 -0.64
CA LEU A 353 -14.29 -23.13 -1.71
C LEU A 353 -13.43 -24.39 -1.51
N GLY A 354 -13.54 -25.03 -0.36
CA GLY A 354 -13.00 -26.37 -0.19
C GLY A 354 -11.57 -26.52 0.30
N PHE A 355 -10.94 -25.43 0.75
CA PHE A 355 -9.56 -25.51 1.23
C PHE A 355 -9.58 -26.09 2.65
N GLN A 356 -8.71 -27.05 2.92
CA GLN A 356 -8.54 -27.60 4.27
C GLN A 356 -7.07 -27.49 4.70
N LYS A 357 -6.83 -27.51 6.00
CA LYS A 357 -5.48 -27.47 6.53
C LYS A 357 -4.72 -28.70 6.07
N LEU A 358 -3.43 -28.54 5.81
CA LEU A 358 -2.57 -29.68 5.55
C LEU A 358 -2.58 -30.58 6.78
N PRO A 359 -2.30 -31.86 6.62
CA PRO A 359 -2.15 -32.75 7.77
C PRO A 359 -0.83 -32.46 8.49
N ASP A 360 -0.62 -33.10 9.63
CA ASP A 360 0.66 -32.99 10.36
C ASP A 360 1.77 -33.54 9.45
N LEU A 361 2.54 -32.64 8.85
CA LEU A 361 3.67 -33.01 7.99
C LEU A 361 5.00 -32.69 8.68
N ALA A 362 4.96 -32.43 9.98
CA ALA A 362 6.14 -31.94 10.71
C ALA A 362 7.26 -32.97 10.72
N VAL A 363 8.49 -32.47 10.54
CA VAL A 363 9.68 -33.30 10.54
C VAL A 363 10.16 -33.48 11.97
N GLN A 364 10.63 -34.68 12.28
CA GLN A 364 11.44 -34.93 13.47
C GLN A 364 12.87 -35.09 12.96
N ALA A 365 13.56 -33.96 12.78
CA ALA A 365 14.85 -33.89 12.09
C ALA A 365 15.96 -34.67 12.79
N GLN A 366 15.80 -34.87 14.09
CA GLN A 366 16.60 -35.85 14.81
C GLN A 366 16.14 -37.22 14.30
N GLN A 367 16.97 -37.82 13.45
CA GLN A 367 16.54 -38.90 12.56
C GLN A 367 16.15 -40.20 13.27
N LYS A 368 14.86 -40.53 13.20
CA LYS A 368 14.34 -41.84 13.55
C LYS A 368 13.54 -42.32 12.34
N ALA A 369 12.29 -41.87 12.25
CA ALA A 369 11.51 -41.91 11.01
C ALA A 369 11.21 -40.46 10.64
N PRO A 370 12.23 -39.72 10.18
CA PRO A 370 12.17 -38.26 10.10
C PRO A 370 11.09 -37.68 9.18
N LEU A 371 11.20 -37.95 7.88
CA LEU A 371 10.25 -37.44 6.88
C LEU A 371 9.07 -38.39 6.65
N ASP A 372 8.76 -39.24 7.64
CA ASP A 372 7.70 -40.24 7.51
C ASP A 372 6.32 -39.61 7.20
N ALA A 373 6.07 -38.45 7.79
CA ALA A 373 4.79 -37.76 7.61
C ALA A 373 4.67 -37.13 6.22
N LEU A 374 5.75 -36.48 5.76
CA LEU A 374 5.78 -35.94 4.39
C LEU A 374 5.69 -37.08 3.38
N ARG A 375 6.30 -38.21 3.71
CA ARG A 375 6.42 -39.34 2.80
C ARG A 375 5.04 -39.92 2.48
N LYS A 376 4.33 -40.30 3.54
CA LYS A 376 3.00 -40.90 3.43
C LYS A 376 2.00 -39.96 2.74
N PHE A 377 2.17 -38.65 2.91
CA PHE A 377 1.28 -37.69 2.28
C PHE A 377 1.50 -37.68 0.77
N LEU A 378 2.76 -37.61 0.36
CA LEU A 378 3.14 -37.57 -1.05
C LEU A 378 2.75 -38.84 -1.80
N GLU A 379 2.72 -39.98 -1.11
CA GLU A 379 2.37 -41.25 -1.73
C GLU A 379 0.87 -41.38 -1.88
N THR A 380 0.14 -40.75 -0.96
CA THR A 380 -1.31 -40.88 -0.85
C THR A 380 -2.05 -39.83 -1.67
N PHE A 381 -1.45 -38.65 -1.83
CA PHE A 381 -2.14 -37.53 -2.49
C PHE A 381 -1.96 -37.63 -3.99
N ASP A 382 -3.07 -37.78 -4.72
CA ASP A 382 -3.04 -38.02 -6.16
C ASP A 382 -3.47 -36.81 -6.99
N GLY A 383 -3.10 -35.62 -6.52
CA GLY A 383 -3.21 -34.42 -7.33
C GLY A 383 -1.86 -33.74 -7.32
N PRO A 384 -1.71 -32.60 -8.00
CA PRO A 384 -0.44 -31.89 -7.99
C PRO A 384 -0.12 -31.40 -6.58
N VAL A 385 1.16 -31.46 -6.19
CA VAL A 385 1.62 -30.87 -4.95
C VAL A 385 2.69 -29.83 -5.28
N VAL A 386 2.51 -28.61 -4.79
CA VAL A 386 3.40 -27.51 -5.10
C VAL A 386 4.06 -27.06 -3.82
N PHE A 387 5.37 -27.30 -3.72
CA PHE A 387 6.15 -26.77 -2.61
C PHE A 387 6.38 -25.29 -2.82
N SER A 388 6.27 -24.53 -1.74
CA SER A 388 6.48 -23.08 -1.76
C SER A 388 7.65 -22.72 -0.87
N VAL A 389 8.50 -21.84 -1.37
CA VAL A 389 9.78 -21.52 -0.74
C VAL A 389 10.13 -20.04 -0.95
N GLU A 390 10.69 -19.39 0.08
CA GLU A 390 10.84 -17.91 0.04
C GLU A 390 11.90 -17.34 -0.93
N SER A 391 12.92 -18.12 -1.30
CA SER A 391 14.01 -17.62 -2.15
C SER A 391 14.31 -18.49 -3.40
N GLU A 392 15.01 -17.91 -4.38
CA GLU A 392 15.47 -18.66 -5.55
C GLU A 392 16.63 -19.58 -5.18
N GLY A 393 17.35 -19.20 -4.11
CA GLY A 393 18.41 -20.01 -3.56
C GLY A 393 17.90 -21.19 -2.77
N ARG A 394 17.19 -20.95 -1.68
CA ARG A 394 16.76 -22.02 -0.77
C ARG A 394 15.60 -22.88 -1.35
N ARG A 395 15.30 -22.66 -2.63
CA ARG A 395 14.60 -23.62 -3.48
C ARG A 395 15.43 -24.91 -3.62
N GLU A 396 16.59 -24.94 -2.98
CA GLU A 396 17.49 -26.09 -3.04
C GLU A 396 17.90 -26.62 -1.65
N ALA A 397 17.79 -25.82 -0.60
CA ALA A 397 17.79 -26.38 0.76
C ALA A 397 16.65 -27.41 0.85
N LEU A 398 15.57 -27.12 0.12
CA LEU A 398 14.43 -28.02 -0.04
C LEU A 398 14.62 -28.94 -1.25
N GLY A 399 14.92 -28.35 -2.41
CA GLY A 399 15.01 -29.07 -3.69
C GLY A 399 16.07 -30.15 -3.81
N GLU A 400 17.25 -29.91 -3.23
CA GLU A 400 18.27 -30.94 -3.07
C GLU A 400 17.80 -31.99 -2.06
N LEU A 401 17.06 -31.53 -1.04
CA LEU A 401 16.50 -32.42 -0.02
C LEU A 401 15.36 -33.29 -0.55
N LEU A 402 14.67 -32.84 -1.60
CA LEU A 402 13.54 -33.60 -2.15
C LEU A 402 14.03 -34.63 -3.18
N ALA A 403 15.23 -34.42 -3.73
CA ALA A 403 15.88 -35.46 -4.54
C ALA A 403 16.24 -36.71 -3.73
N ARG A 404 16.29 -36.57 -2.40
CA ARG A 404 16.58 -37.67 -1.49
C ARG A 404 15.45 -38.72 -1.41
N ILE A 405 14.21 -38.32 -1.64
CA ILE A 405 13.07 -39.25 -1.69
C ILE A 405 12.44 -39.30 -3.09
N LYS A 406 13.29 -39.29 -4.12
CA LYS A 406 12.89 -39.45 -5.52
C LYS A 406 11.93 -38.38 -6.07
N ILE A 407 11.78 -37.26 -5.35
CA ILE A 407 11.03 -36.12 -5.84
C ILE A 407 11.97 -35.10 -6.49
N ALA A 408 11.77 -34.84 -7.77
CA ALA A 408 12.48 -33.78 -8.47
C ALA A 408 11.48 -32.73 -8.95
N PRO A 409 11.12 -31.80 -8.06
CA PRO A 409 10.12 -30.78 -8.41
C PRO A 409 10.45 -30.05 -9.70
N GLN A 410 9.54 -30.14 -10.67
CA GLN A 410 9.57 -29.26 -11.83
C GLN A 410 9.22 -27.89 -11.27
N ARG A 411 9.59 -26.81 -11.97
CA ARG A 411 9.34 -25.49 -11.43
C ARG A 411 8.50 -24.62 -12.35
N ILE A 412 7.53 -23.94 -11.75
CA ILE A 412 6.61 -23.05 -12.45
C ILE A 412 6.41 -21.76 -11.65
N MET A 413 5.84 -20.76 -12.30
CA MET A 413 5.48 -19.50 -11.63
C MET A 413 3.98 -19.24 -11.77
N ARG A 414 3.22 -20.32 -11.99
CA ARG A 414 1.77 -20.24 -12.15
C ARG A 414 1.13 -21.53 -11.64
N LEU A 415 0.10 -21.38 -10.82
CA LEU A 415 -0.60 -22.52 -10.22
C LEU A 415 -1.31 -23.36 -11.28
N ASP A 416 -1.80 -22.69 -12.33
CA ASP A 416 -2.54 -23.36 -13.41
C ASP A 416 -1.67 -24.19 -14.35
N GLU A 417 -0.36 -24.14 -14.18
CA GLU A 417 0.57 -24.98 -14.91
C GLU A 417 0.74 -26.37 -14.27
N ALA A 418 0.25 -26.54 -13.05
CA ALA A 418 0.41 -27.79 -12.30
C ALA A 418 -0.65 -28.82 -12.71
N SER A 419 -0.33 -29.61 -13.73
CA SER A 419 -1.25 -30.63 -14.25
C SER A 419 -1.03 -31.98 -13.55
N ASP A 420 -2.11 -32.76 -13.48
CA ASP A 420 -2.02 -34.20 -13.22
C ASP A 420 -1.50 -34.55 -11.82
N ARG A 421 -0.42 -35.33 -11.71
CA ARG A 421 0.10 -35.70 -10.39
C ARG A 421 1.53 -35.23 -10.16
N GLY A 422 1.92 -34.16 -10.87
CA GLY A 422 3.27 -33.65 -10.77
C GLY A 422 3.61 -33.11 -9.39
N ARG A 423 4.90 -33.09 -9.08
CA ARG A 423 5.39 -32.35 -7.92
C ARG A 423 6.09 -31.11 -8.45
N TYR A 424 5.94 -29.99 -7.75
CA TYR A 424 6.35 -28.70 -8.28
C TYR A 424 7.00 -27.79 -7.24
N LEU A 425 7.58 -26.69 -7.72
CA LEU A 425 8.34 -25.78 -6.90
C LEU A 425 7.97 -24.34 -7.26
N MET A 426 7.64 -23.54 -6.25
CA MET A 426 7.28 -22.15 -6.45
C MET A 426 8.08 -21.28 -5.50
N ILE A 427 8.51 -20.12 -5.98
CA ILE A 427 9.20 -19.17 -5.13
C ILE A 427 8.29 -17.97 -4.85
N GLY A 428 8.11 -17.69 -3.57
CA GLY A 428 7.30 -16.56 -3.11
C GLY A 428 7.09 -16.58 -1.61
N ALA A 429 6.30 -15.63 -1.12
CA ALA A 429 6.21 -15.38 0.31
C ALA A 429 5.13 -16.19 1.02
N ALA A 430 4.43 -17.08 0.31
CA ALA A 430 3.36 -17.87 0.89
C ALA A 430 3.83 -18.51 2.21
N GLU A 431 3.10 -18.23 3.29
CA GLU A 431 3.53 -18.60 4.63
C GLU A 431 3.10 -20.01 5.01
N HIS A 432 1.81 -20.30 4.81
CA HIS A 432 1.24 -21.59 5.17
C HIS A 432 0.44 -22.16 4.01
N GLY A 433 0.44 -23.49 3.93
CA GLY A 433 -0.09 -24.18 2.77
C GLY A 433 -1.54 -24.55 2.96
N PHE A 434 -2.02 -25.43 2.10
CA PHE A 434 -3.39 -25.90 2.15
C PHE A 434 -3.58 -27.12 1.27
N VAL A 435 -4.77 -27.70 1.33
CA VAL A 435 -5.23 -28.68 0.37
C VAL A 435 -6.51 -28.12 -0.21
N ASP A 436 -6.47 -27.76 -1.49
CA ASP A 436 -7.63 -27.42 -2.27
C ASP A 436 -8.34 -28.72 -2.67
N THR A 437 -9.38 -29.11 -1.94
CA THR A 437 -10.10 -30.37 -2.22
C THR A 437 -10.98 -30.35 -3.46
N VAL A 438 -11.31 -29.17 -3.97
CA VAL A 438 -12.11 -29.03 -5.18
C VAL A 438 -11.26 -29.26 -6.41
N ARG A 439 -10.12 -28.57 -6.47
CA ARG A 439 -9.19 -28.70 -7.58
C ARG A 439 -8.22 -29.86 -7.39
N ASN A 440 -8.19 -30.43 -6.19
CA ASN A 440 -7.32 -31.56 -5.86
C ASN A 440 -5.82 -31.20 -5.96
N LEU A 441 -5.45 -30.07 -5.37
CA LEU A 441 -4.07 -29.59 -5.38
C LEU A 441 -3.65 -29.26 -3.96
N ALA A 442 -2.39 -29.51 -3.65
CA ALA A 442 -1.84 -29.15 -2.36
C ALA A 442 -0.71 -28.16 -2.57
N LEU A 443 -0.68 -27.12 -1.74
CA LEU A 443 0.46 -26.22 -1.61
C LEU A 443 1.11 -26.52 -0.27
N ILE A 444 2.44 -26.70 -0.26
CA ILE A 444 3.17 -26.95 0.98
C ILE A 444 4.28 -25.92 1.12
N CYS A 445 4.18 -25.07 2.15
CA CYS A 445 5.21 -24.07 2.41
C CYS A 445 6.23 -24.63 3.39
N GLU A 446 7.39 -23.98 3.48
CA GLU A 446 8.47 -24.45 4.34
C GLU A 446 8.02 -24.53 5.79
N SER A 447 7.16 -23.59 6.17
CA SER A 447 6.69 -23.45 7.55
C SER A 447 5.81 -24.62 8.00
N ASP A 448 5.21 -25.33 7.05
CA ASP A 448 4.41 -26.53 7.34
C ASP A 448 5.30 -27.75 7.61
N LEU A 449 6.49 -27.74 7.04
CA LEU A 449 7.47 -28.81 7.27
C LEU A 449 8.20 -28.65 8.62
N LEU A 450 8.43 -27.41 9.04
CA LEU A 450 9.14 -27.14 10.29
C LEU A 450 8.17 -27.09 11.46
#